data_3B96
#
_entry.id   3B96
#
_cell.length_a   74.616
_cell.length_b   107.879
_cell.length_c   149.776
_cell.angle_alpha   90.00
_cell.angle_beta   90.00
_cell.angle_gamma   90.00
#
_symmetry.space_group_name_H-M   'C 2 2 21'
#
loop_
_entity.id
_entity.type
_entity.pdbx_description
1 polymer 'Very long-chain specific acyl-CoA dehydrogenase'
2 non-polymer TETRADECANOYL-COA
3 non-polymer 'FLAVIN-ADENINE DINUCLEOTIDE'
4 water water
#
_entity_poly.entity_id   1
_entity_poly.type   'polypeptide(L)'
_entity_poly.pdbx_seq_one_letter_code
;ESKSFAVGMFKGQLTTDQVFPYPSVLNEEQTQFLKELVEPVSRFFEEVNDPAKNDALEMVEETTWQGLKELGAFGLQVPS
ELGGVGLCNTQYARLVEIVGMHDLGVGITLGAHQSIGFKGILLFGTKAQKEKYLPKLASGETVAAFCLTEPSSGSDAASI
RTSAVPSPCGKYYTLNGSKLWISNGGLADIFTVFAKTPVTDPATGAVKEKITAFVVERGFGGITHGPPEKKMGIKASNTA
EVFFDGVRVPSENVLGEVGSGFKVAMHILNNGRFGMAAALAGTMRGIIAKAVDHATNRTQFGEKIHNFGLIQEKLARMVM
LQYVTESMAYMVSANMDQGATDFQIEAAISKIFGSEAAWKVTDECIQIMGGMGFMKEPGVERVLRDLRIFRIFEGTNDIL
RLFVALQGCMDKGKELSGLGSALKNPFGNAGLLLGEAGKQLRRRAGLGSGLSLSGLVHPELSRSGELAVRALEQFATVVE
AKLIKHKKGIVNEQFLLQRLADGAIDLYAMVVVLSRASRSLSEGHPTAQHEKMLCDTWCIEAAARIREGMAALQSDPWQQ
ELYRNFKSISKALVERGGVVTSNPLGF
;
_entity_poly.pdbx_strand_id   A
#
# COMPACT_ATOMS: atom_id res chain seq x y z
N GLU A 1 2.26 -20.71 -16.93
CA GLU A 1 3.41 -19.80 -16.57
C GLU A 1 2.91 -18.43 -16.14
N SER A 2 3.50 -17.90 -15.08
CA SER A 2 3.07 -16.61 -14.54
C SER A 2 3.28 -15.49 -15.55
N LYS A 3 2.32 -14.57 -15.65
CA LYS A 3 2.54 -13.33 -16.43
C LYS A 3 3.12 -12.17 -15.61
N SER A 4 3.37 -12.42 -14.32
CA SER A 4 3.99 -11.44 -13.43
C SER A 4 5.47 -11.17 -13.71
N PHE A 5 5.79 -9.89 -13.97
CA PHE A 5 7.18 -9.46 -14.08
C PHE A 5 8.00 -9.85 -12.87
N ALA A 6 7.44 -9.62 -11.68
CA ALA A 6 8.20 -9.84 -10.45
C ALA A 6 8.48 -11.33 -10.26
N VAL A 7 7.49 -12.16 -10.57
CA VAL A 7 7.68 -13.63 -10.49
C VAL A 7 8.82 -14.08 -11.44
N GLY A 8 8.78 -13.63 -12.68
CA GLY A 8 9.85 -13.93 -13.63
C GLY A 8 11.23 -13.45 -13.21
N MET A 9 11.35 -12.24 -12.67
CA MET A 9 12.69 -11.68 -12.45
C MET A 9 13.45 -12.44 -11.36
N PHE A 10 12.72 -13.02 -10.40
CA PHE A 10 13.39 -13.86 -9.40
C PHE A 10 13.97 -15.12 -10.05
N LYS A 11 13.38 -15.52 -11.18
CA LYS A 11 13.82 -16.71 -11.95
C LYS A 11 14.79 -16.34 -13.09
N GLY A 12 15.19 -15.07 -13.14
CA GLY A 12 16.10 -14.61 -14.17
C GLY A 12 15.43 -14.54 -15.53
N GLN A 13 14.11 -14.48 -15.52
CA GLN A 13 13.31 -14.31 -16.74
C GLN A 13 12.84 -12.87 -16.97
N LEU A 14 12.62 -12.51 -18.23
CA LEU A 14 12.02 -11.23 -18.58
C LEU A 14 10.59 -11.48 -19.02
N THR A 15 9.65 -11.42 -18.08
CA THR A 15 8.23 -11.63 -18.38
C THR A 15 7.53 -10.26 -18.43
N THR A 16 7.19 -9.80 -19.63
CA THR A 16 6.90 -8.36 -19.80
C THR A 16 5.44 -8.04 -20.09
N ASP A 17 4.59 -9.07 -20.12
CA ASP A 17 3.17 -8.93 -20.48
C ASP A 17 2.47 -7.85 -19.70
N GLN A 18 2.78 -7.79 -18.40
CA GLN A 18 2.06 -6.91 -17.49
C GLN A 18 2.83 -5.60 -17.26
N VAL A 19 3.87 -5.39 -18.07
CA VAL A 19 4.70 -4.20 -17.96
C VAL A 19 4.79 -3.32 -19.23
N PHE A 20 5.08 -3.94 -20.38
CA PHE A 20 5.24 -3.24 -21.66
C PHE A 20 4.15 -3.78 -22.61
N PRO A 21 3.54 -2.89 -23.41
CA PRO A 21 3.75 -1.45 -23.29
C PRO A 21 2.99 -0.95 -22.07
N TYR A 22 3.32 0.25 -21.60
CA TYR A 22 2.64 0.77 -20.42
C TYR A 22 1.14 0.77 -20.70
N PRO A 23 0.37 0.06 -19.85
CA PRO A 23 -1.04 -0.24 -20.14
C PRO A 23 -1.97 0.96 -20.26
N SER A 24 -2.91 0.87 -21.21
CA SER A 24 -4.01 1.82 -21.28
C SER A 24 -5.26 0.95 -21.21
N VAL A 25 -6.14 1.27 -20.28
CA VAL A 25 -7.30 0.42 -20.03
C VAL A 25 -8.65 1.10 -20.31
N LEU A 26 -8.72 2.42 -20.21
CA LEU A 26 -10.04 3.09 -20.30
C LEU A 26 -10.52 3.24 -21.74
N ASN A 27 -11.76 2.84 -22.00
CA ASN A 27 -12.40 3.21 -23.28
C ASN A 27 -12.77 4.69 -23.30
N GLU A 28 -13.22 5.20 -24.46
CA GLU A 28 -13.52 6.62 -24.58
C GLU A 28 -14.58 7.12 -23.62
N GLU A 29 -15.64 6.34 -23.43
CA GLU A 29 -16.70 6.71 -22.48
C GLU A 29 -16.25 6.74 -21.00
N GLN A 30 -15.42 5.78 -20.61
CA GLN A 30 -14.87 5.73 -19.23
C GLN A 30 -13.99 6.96 -19.01
N THR A 31 -13.29 7.34 -20.06
CA THR A 31 -12.40 8.49 -19.99
C THR A 31 -13.22 9.75 -19.76
N GLN A 32 -14.24 9.95 -20.60
CA GLN A 32 -15.12 11.11 -20.44
C GLN A 32 -15.85 11.12 -19.09
N PHE A 33 -16.36 9.98 -18.65
CA PHE A 33 -17.05 9.89 -17.36
C PHE A 33 -16.10 10.32 -16.23
N LEU A 34 -14.87 9.81 -16.25
CA LEU A 34 -13.86 10.17 -15.24
C LEU A 34 -13.54 11.67 -15.26
N LYS A 35 -13.35 12.25 -16.44
CA LYS A 35 -13.15 13.69 -16.50
C LYS A 35 -14.24 14.50 -15.76
N GLU A 36 -15.50 14.09 -15.91
CA GLU A 36 -16.61 14.82 -15.30
C GLU A 36 -16.73 14.53 -13.82
N LEU A 37 -15.98 13.56 -13.32
CA LEU A 37 -15.89 13.36 -11.87
C LEU A 37 -14.71 14.12 -11.27
N VAL A 38 -13.61 14.17 -12.00
CA VAL A 38 -12.39 14.78 -11.49
C VAL A 38 -12.63 16.24 -11.09
N GLU A 39 -13.41 16.95 -11.89
CA GLU A 39 -13.63 18.37 -11.65
C GLU A 39 -14.39 18.66 -10.32
N PRO A 40 -15.59 18.11 -10.16
CA PRO A 40 -16.31 18.28 -8.92
C PRO A 40 -15.62 17.73 -7.66
N VAL A 41 -14.94 16.60 -7.75
CA VAL A 41 -14.20 16.08 -6.61
C VAL A 41 -13.06 17.04 -6.23
N SER A 42 -12.34 17.54 -7.25
CA SER A 42 -11.26 18.51 -7.01
C SER A 42 -11.78 19.80 -6.39
N ARG A 43 -12.83 20.37 -6.98
CA ARG A 43 -13.49 21.54 -6.38
C ARG A 43 -13.92 21.30 -4.93
N PHE A 44 -14.46 20.12 -4.63
CA PHE A 44 -14.96 19.84 -3.28
C PHE A 44 -13.81 19.94 -2.26
N PHE A 45 -12.67 19.35 -2.59
CA PHE A 45 -11.53 19.37 -1.68
C PHE A 45 -10.90 20.75 -1.60
N GLU A 46 -10.94 21.45 -2.72
CA GLU A 46 -10.46 22.82 -2.75
C GLU A 46 -11.36 23.76 -1.94
N GLU A 47 -12.68 23.59 -2.01
CA GLU A 47 -13.59 24.67 -1.58
C GLU A 47 -14.38 24.34 -0.32
N VAL A 48 -14.62 23.05 -0.10
CA VAL A 48 -15.44 22.64 1.01
C VAL A 48 -14.60 22.04 2.16
N ASN A 49 -13.80 21.01 1.85
CA ASN A 49 -12.97 20.37 2.87
C ASN A 49 -11.90 21.34 3.39
N ASP A 50 -11.61 21.25 4.69
CA ASP A 50 -10.48 21.96 5.28
C ASP A 50 -9.63 20.94 6.06
N PRO A 51 -8.50 20.52 5.48
CA PRO A 51 -7.67 19.48 6.14
C PRO A 51 -7.13 19.89 7.51
N ALA A 52 -6.74 21.16 7.65
CA ALA A 52 -6.20 21.66 8.92
C ALA A 52 -7.30 21.65 9.99
N LYS A 53 -8.53 21.97 9.60
CA LYS A 53 -9.67 21.89 10.50
C LYS A 53 -9.96 20.47 10.99
N ASN A 54 -10.01 19.52 10.06
CA ASN A 54 -10.32 18.12 10.43
C ASN A 54 -9.24 17.63 11.43
N ASP A 55 -8.00 17.95 11.11
CA ASP A 55 -6.85 17.55 11.96
C ASP A 55 -7.02 18.16 13.37
N ALA A 56 -7.38 19.45 13.44
CA ALA A 56 -7.59 20.15 14.71
C ALA A 56 -8.73 19.55 15.52
N LEU A 57 -9.84 19.28 14.84
CA LEU A 57 -11.01 18.67 15.44
C LEU A 57 -10.91 17.18 15.77
N GLU A 58 -9.93 16.50 15.18
CA GLU A 58 -9.81 15.04 15.26
C GLU A 58 -11.08 14.34 14.79
N MET A 59 -11.69 14.92 13.76
CA MET A 59 -12.75 14.21 13.03
C MET A 59 -13.01 14.97 11.77
N VAL A 60 -13.79 14.41 10.87
CA VAL A 60 -14.15 15.08 9.64
C VAL A 60 -15.33 16.04 9.92
N GLU A 61 -15.20 17.32 9.56
CA GLU A 61 -16.28 18.29 9.78
C GLU A 61 -17.58 17.78 9.14
N GLU A 62 -18.70 17.93 9.85
CA GLU A 62 -19.98 17.34 9.39
C GLU A 62 -20.41 17.75 7.97
N THR A 63 -20.23 19.02 7.61
CA THR A 63 -20.57 19.44 6.26
C THR A 63 -19.75 18.69 5.22
N THR A 64 -18.47 18.51 5.50
CA THR A 64 -17.61 17.76 4.61
C THR A 64 -18.08 16.32 4.51
N TRP A 65 -18.37 15.72 5.67
CA TRP A 65 -18.78 14.33 5.76
C TRP A 65 -20.06 14.12 4.92
N GLN A 66 -21.10 14.90 5.19
CA GLN A 66 -22.33 14.85 4.35
C GLN A 66 -22.09 15.14 2.89
N GLY A 67 -21.24 16.14 2.58
CA GLY A 67 -20.88 16.42 1.18
C GLY A 67 -20.24 15.27 0.41
N LEU A 68 -19.35 14.55 1.07
CA LEU A 68 -18.76 13.34 0.52
C LEU A 68 -19.80 12.26 0.24
N LYS A 69 -20.71 12.04 1.18
CA LYS A 69 -21.80 11.10 0.94
C LYS A 69 -22.58 11.50 -0.34
N GLU A 70 -22.97 12.77 -0.43
CA GLU A 70 -23.68 13.28 -1.61
C GLU A 70 -22.90 13.10 -2.90
N LEU A 71 -21.58 13.23 -2.81
CA LEU A 71 -20.72 13.15 -3.99
C LEU A 71 -20.64 11.75 -4.57
N GLY A 72 -21.07 10.77 -3.79
CA GLY A 72 -20.86 9.37 -4.15
C GLY A 72 -19.54 8.80 -3.66
N ALA A 73 -18.81 9.54 -2.81
CA ALA A 73 -17.44 9.15 -2.40
C ALA A 73 -17.34 7.87 -1.55
N PHE A 74 -18.44 7.47 -0.94
CA PHE A 74 -18.51 6.23 -0.15
C PHE A 74 -18.70 4.95 -0.98
N GLY A 75 -18.89 5.10 -2.30
CA GLY A 75 -19.19 3.93 -3.14
C GLY A 75 -18.59 3.94 -4.53
N LEU A 76 -17.34 4.40 -4.62
CA LEU A 76 -16.75 4.68 -5.93
C LEU A 76 -16.67 3.45 -6.84
N GLN A 77 -16.40 2.28 -6.27
CA GLN A 77 -16.24 1.04 -7.05
C GLN A 77 -17.46 0.11 -6.98
N VAL A 78 -18.53 0.53 -6.33
CA VAL A 78 -19.76 -0.28 -6.32
C VAL A 78 -20.46 -0.09 -7.67
N PRO A 79 -20.87 -1.19 -8.35
CA PRO A 79 -21.60 -1.02 -9.61
C PRO A 79 -22.81 -0.08 -9.47
N SER A 80 -23.07 0.68 -10.53
CA SER A 80 -24.20 1.60 -10.56
C SER A 80 -25.53 0.93 -10.16
N GLU A 81 -25.72 -0.31 -10.55
CA GLU A 81 -26.99 -0.99 -10.31
C GLU A 81 -27.19 -1.29 -8.83
N LEU A 82 -26.09 -1.35 -8.09
CA LEU A 82 -26.15 -1.46 -6.63
C LEU A 82 -25.93 -0.08 -5.95
N GLY A 83 -26.05 0.99 -6.70
CA GLY A 83 -26.08 2.33 -6.13
C GLY A 83 -24.73 3.03 -5.96
N GLY A 84 -23.66 2.45 -6.51
CA GLY A 84 -22.35 3.12 -6.51
C GLY A 84 -22.07 3.87 -7.79
N VAL A 85 -20.85 4.41 -7.91
CA VAL A 85 -20.39 5.17 -9.07
C VAL A 85 -19.88 4.24 -10.20
N GLY A 86 -19.60 2.99 -9.87
CA GLY A 86 -19.29 1.98 -10.87
C GLY A 86 -17.91 2.11 -11.51
N LEU A 87 -16.94 2.66 -10.78
CA LEU A 87 -15.60 2.88 -11.35
C LEU A 87 -14.75 1.61 -11.37
N CYS A 88 -13.84 1.53 -12.34
CA CYS A 88 -12.86 0.43 -12.34
C CYS A 88 -11.66 0.89 -11.51
N ASN A 89 -10.64 0.04 -11.41
CA ASN A 89 -9.51 0.33 -10.51
C ASN A 89 -8.75 1.59 -10.95
N THR A 90 -8.57 1.73 -12.26
CA THR A 90 -7.82 2.86 -12.83
C THR A 90 -8.55 4.21 -12.61
N GLN A 91 -9.87 4.22 -12.80
CA GLN A 91 -10.69 5.41 -12.52
C GLN A 91 -10.65 5.72 -11.04
N TYR A 92 -10.71 4.66 -10.23
CA TYR A 92 -10.67 4.81 -8.77
C TYR A 92 -9.34 5.46 -8.36
N ALA A 93 -8.25 4.96 -8.95
CA ALA A 93 -6.93 5.50 -8.65
C ALA A 93 -6.85 6.99 -8.94
N ARG A 94 -7.46 7.42 -10.05
CA ARG A 94 -7.45 8.81 -10.42
C ARG A 94 -8.14 9.72 -9.39
N LEU A 95 -9.20 9.22 -8.80
CA LEU A 95 -9.92 10.03 -7.81
C LEU A 95 -9.23 9.96 -6.45
N VAL A 96 -8.74 8.76 -6.13
CA VAL A 96 -7.94 8.56 -4.92
C VAL A 96 -6.71 9.48 -4.80
N GLU A 97 -6.02 9.73 -5.92
CA GLU A 97 -4.92 10.70 -5.90
C GLU A 97 -5.35 12.12 -5.58
N ILE A 98 -6.59 12.48 -5.89
CA ILE A 98 -7.10 13.78 -5.47
C ILE A 98 -7.23 13.84 -3.96
N VAL A 99 -7.81 12.81 -3.37
CA VAL A 99 -7.94 12.74 -1.91
C VAL A 99 -6.55 12.76 -1.26
N GLY A 100 -5.65 11.96 -1.79
CA GLY A 100 -4.28 11.88 -1.25
C GLY A 100 -3.57 13.23 -1.30
N MET A 101 -3.79 13.98 -2.37
CA MET A 101 -3.21 15.32 -2.50
C MET A 101 -3.65 16.27 -1.40
N HIS A 102 -4.91 16.15 -1.02
CA HIS A 102 -5.56 17.12 -0.17
C HIS A 102 -5.68 16.75 1.29
N ASP A 103 -6.01 15.49 1.59
CA ASP A 103 -6.38 15.17 2.97
C ASP A 103 -6.32 13.68 3.25
N LEU A 104 -5.21 13.21 3.79
CA LEU A 104 -5.02 11.78 4.05
C LEU A 104 -5.89 11.27 5.20
N GLY A 105 -6.28 12.16 6.12
CA GLY A 105 -7.25 11.85 7.18
C GLY A 105 -8.60 11.38 6.60
N VAL A 106 -9.13 12.20 5.71
CA VAL A 106 -10.31 11.85 4.90
C VAL A 106 -10.06 10.60 4.05
N GLY A 107 -8.90 10.55 3.39
CA GLY A 107 -8.50 9.39 2.62
C GLY A 107 -8.58 8.09 3.41
N ILE A 108 -8.01 8.06 4.61
CA ILE A 108 -8.06 6.84 5.42
C ILE A 108 -9.50 6.47 5.83
N THR A 109 -10.28 7.47 6.21
CA THR A 109 -11.68 7.19 6.56
C THR A 109 -12.48 6.56 5.39
N LEU A 110 -12.36 7.16 4.20
CA LEU A 110 -12.99 6.59 2.98
C LEU A 110 -12.39 5.28 2.48
N GLY A 111 -11.08 5.12 2.61
CA GLY A 111 -10.45 3.87 2.21
C GLY A 111 -10.70 2.72 3.16
N ALA A 112 -10.68 2.99 4.47
CA ALA A 112 -11.08 1.99 5.46
C ALA A 112 -12.50 1.52 5.16
N HIS A 113 -13.36 2.44 4.74
CA HIS A 113 -14.73 2.13 4.44
C HIS A 113 -14.78 1.22 3.21
N GLN A 114 -14.22 1.68 2.10
CA GLN A 114 -14.39 0.96 0.81
C GLN A 114 -13.23 0.14 0.24
N SER A 115 -11.97 0.54 0.46
CA SER A 115 -10.87 -0.23 -0.10
C SER A 115 -10.76 -1.56 0.64
N ILE A 116 -11.10 -1.56 1.93
CA ILE A 116 -11.04 -2.78 2.74
C ILE A 116 -12.30 -3.09 3.58
N GLY A 117 -13.03 -2.08 4.07
CA GLY A 117 -14.15 -2.30 5.05
C GLY A 117 -15.28 -3.18 4.53
N PHE A 118 -15.74 -2.91 3.31
CA PHE A 118 -16.76 -3.74 2.65
C PHE A 118 -16.24 -4.38 1.34
N LYS A 119 -14.95 -4.18 1.05
CA LYS A 119 -14.34 -4.78 -0.13
C LYS A 119 -14.64 -6.28 -0.28
N GLY A 120 -14.63 -7.01 0.84
CA GLY A 120 -14.85 -8.45 0.81
C GLY A 120 -16.21 -8.78 0.22
N ILE A 121 -17.20 -7.92 0.46
CA ILE A 121 -18.54 -8.14 -0.13
C ILE A 121 -18.47 -8.01 -1.66
N LEU A 122 -17.69 -7.05 -2.15
CA LEU A 122 -17.56 -6.89 -3.57
C LEU A 122 -16.85 -8.11 -4.19
N LEU A 123 -15.85 -8.63 -3.48
CA LEU A 123 -14.97 -9.69 -3.99
C LEU A 123 -15.58 -11.09 -3.83
N PHE A 124 -16.29 -11.32 -2.73
CA PHE A 124 -16.68 -12.66 -2.33
C PHE A 124 -18.15 -12.78 -2.00
N GLY A 125 -18.88 -11.67 -2.15
CA GLY A 125 -20.28 -11.65 -1.71
C GLY A 125 -21.15 -12.49 -2.63
N THR A 126 -22.12 -13.19 -2.06
CA THR A 126 -23.19 -13.76 -2.87
C THR A 126 -24.03 -12.61 -3.44
N LYS A 127 -24.85 -12.91 -4.44
CA LYS A 127 -25.86 -11.99 -4.95
C LYS A 127 -26.73 -11.42 -3.82
N ALA A 128 -27.20 -12.31 -2.94
CA ALA A 128 -28.05 -11.88 -1.82
C ALA A 128 -27.32 -10.88 -0.93
N GLN A 129 -26.10 -11.21 -0.54
CA GLN A 129 -25.30 -10.31 0.30
C GLN A 129 -25.04 -8.95 -0.39
N LYS A 130 -24.68 -8.98 -1.67
CA LYS A 130 -24.40 -7.74 -2.39
C LYS A 130 -25.65 -6.86 -2.47
N GLU A 131 -26.79 -7.47 -2.76
CA GLU A 131 -28.01 -6.69 -2.95
C GLU A 131 -28.45 -6.11 -1.62
N LYS A 132 -28.26 -6.89 -0.56
CA LYS A 132 -28.66 -6.47 0.77
C LYS A 132 -27.82 -5.28 1.30
N TYR A 133 -26.50 -5.35 1.11
CA TYR A 133 -25.59 -4.47 1.84
C TYR A 133 -25.00 -3.31 1.02
N LEU A 134 -24.72 -3.55 -0.26
CA LEU A 134 -24.00 -2.56 -1.07
C LEU A 134 -24.64 -1.20 -1.23
N PRO A 135 -25.97 -1.13 -1.48
CA PRO A 135 -26.56 0.18 -1.68
C PRO A 135 -26.35 1.16 -0.53
N LYS A 136 -26.61 0.73 0.70
CA LYS A 136 -26.37 1.60 1.86
C LYS A 136 -24.88 1.78 2.21
N LEU A 137 -24.04 0.82 1.84
CA LEU A 137 -22.59 1.05 1.88
C LEU A 137 -22.18 2.20 0.92
N ALA A 138 -22.68 2.15 -0.31
CA ALA A 138 -22.27 3.04 -1.37
C ALA A 138 -22.72 4.47 -1.15
N SER A 139 -23.79 4.64 -0.39
CA SER A 139 -24.37 5.96 -0.17
C SER A 139 -23.77 6.52 1.13
N GLY A 140 -23.06 5.66 1.84
CA GLY A 140 -22.52 6.02 3.14
C GLY A 140 -23.55 6.00 4.26
N GLU A 141 -24.75 5.46 4.02
CA GLU A 141 -25.73 5.38 5.10
C GLU A 141 -25.25 4.44 6.19
N THR A 142 -24.59 3.35 5.79
CA THR A 142 -23.91 2.50 6.74
C THR A 142 -22.40 2.54 6.39
N VAL A 143 -21.59 3.04 7.33
CA VAL A 143 -20.14 3.09 7.13
C VAL A 143 -19.60 1.69 7.45
N ALA A 144 -18.51 1.29 6.80
CA ALA A 144 -17.89 -0.02 7.03
C ALA A 144 -16.53 0.07 7.72
N ALA A 145 -16.12 -1.05 8.31
CA ALA A 145 -14.80 -1.23 8.93
C ALA A 145 -14.24 -2.67 8.81
N PHE A 146 -12.93 -2.77 8.62
CA PHE A 146 -12.27 -4.05 8.42
C PHE A 146 -11.68 -4.41 9.79
N CYS A 147 -12.16 -5.52 10.34
CA CYS A 147 -11.89 -5.86 11.73
C CYS A 147 -11.00 -7.09 11.83
N LEU A 148 -9.70 -6.88 11.75
CA LEU A 148 -8.79 -7.99 11.74
C LEU A 148 -7.89 -7.93 12.98
N THR A 149 -7.18 -6.82 13.14
CA THR A 149 -6.19 -6.62 14.24
C THR A 149 -6.74 -6.79 15.64
N GLU A 150 -5.93 -7.39 16.53
CA GLU A 150 -6.30 -7.54 17.92
C GLU A 150 -5.14 -7.14 18.79
N PRO A 151 -5.36 -7.00 20.10
CA PRO A 151 -4.22 -6.72 20.97
C PRO A 151 -3.02 -7.67 20.81
N SER A 152 -3.30 -8.97 20.62
CA SER A 152 -2.26 -10.01 20.49
C SER A 152 -1.71 -10.15 19.08
N SER A 153 -2.44 -9.65 18.09
CA SER A 153 -2.25 -10.09 16.69
C SER A 153 -2.32 -8.92 15.71
N GLY A 154 -1.17 -8.55 15.13
CA GLY A 154 -1.13 -7.50 14.12
C GLY A 154 -0.62 -8.07 12.79
N SER A 155 0.71 -8.15 12.66
CA SER A 155 1.32 -8.82 11.49
C SER A 155 0.89 -10.28 11.31
N ASP A 156 0.82 -11.01 12.42
CA ASP A 156 0.45 -12.45 12.42
C ASP A 156 -1.08 -12.61 12.52
N ALA A 157 -1.76 -12.49 11.38
CA ALA A 157 -3.22 -12.57 11.34
C ALA A 157 -3.67 -13.95 11.82
N ALA A 158 -2.86 -14.97 11.50
CA ALA A 158 -3.21 -16.35 11.83
C ALA A 158 -3.36 -16.61 13.34
N SER A 159 -2.86 -15.68 14.15
CA SER A 159 -2.84 -15.83 15.60
C SER A 159 -4.03 -15.19 16.32
N ILE A 160 -4.99 -14.66 15.56
CA ILE A 160 -6.14 -13.98 16.18
C ILE A 160 -6.97 -14.91 17.09
N ARG A 161 -7.55 -14.31 18.12
CA ARG A 161 -8.26 -15.04 19.20
C ARG A 161 -9.77 -14.83 19.21
N THR A 162 -10.25 -13.80 18.53
CA THR A 162 -11.71 -13.60 18.45
C THR A 162 -12.30 -14.89 17.89
N SER A 163 -13.40 -15.37 18.47
CA SER A 163 -13.94 -16.67 18.07
C SER A 163 -15.43 -16.61 17.67
N ALA A 164 -15.81 -17.52 16.78
CA ALA A 164 -17.20 -17.65 16.36
C ALA A 164 -17.58 -19.13 16.48
N VAL A 165 -18.59 -19.42 17.30
CA VAL A 165 -19.03 -20.80 17.48
C VAL A 165 -20.40 -21.07 16.80
N PRO A 166 -20.48 -22.14 16.00
CA PRO A 166 -21.78 -22.33 15.34
C PRO A 166 -22.83 -22.86 16.34
N SER A 167 -24.07 -22.42 16.19
CA SER A 167 -25.20 -22.98 16.94
C SER A 167 -25.51 -24.40 16.48
N PRO A 168 -26.11 -25.21 17.38
CA PRO A 168 -26.56 -26.59 17.10
C PRO A 168 -27.49 -26.68 15.88
N CYS A 169 -28.40 -25.73 15.73
CA CYS A 169 -29.26 -25.63 14.53
C CYS A 169 -28.51 -25.16 13.28
N GLY A 170 -27.31 -24.62 13.44
CA GLY A 170 -26.54 -24.15 12.29
C GLY A 170 -27.06 -22.86 11.65
N LYS A 171 -28.04 -22.24 12.30
CA LYS A 171 -28.64 -21.00 11.80
C LYS A 171 -27.83 -19.73 12.09
N TYR A 172 -26.99 -19.77 13.13
CA TYR A 172 -26.17 -18.59 13.45
C TYR A 172 -24.84 -19.00 14.09
N TYR A 173 -23.95 -18.01 14.24
CA TYR A 173 -22.72 -18.19 14.99
C TYR A 173 -22.74 -17.21 16.16
N THR A 174 -22.13 -17.59 17.28
CA THR A 174 -21.99 -16.67 18.40
C THR A 174 -20.58 -16.11 18.46
N LEU A 175 -20.47 -14.78 18.37
CA LEU A 175 -19.18 -14.11 18.14
C LEU A 175 -18.71 -13.40 19.41
N ASN A 176 -17.46 -13.69 19.79
CA ASN A 176 -16.85 -13.12 20.98
C ASN A 176 -15.39 -12.70 20.71
N GLY A 177 -15.08 -11.44 21.01
CA GLY A 177 -13.70 -11.02 21.16
C GLY A 177 -13.58 -9.51 21.07
N SER A 178 -12.38 -9.04 20.78
CA SER A 178 -12.19 -7.62 20.59
C SER A 178 -11.17 -7.37 19.48
N LYS A 179 -11.31 -6.21 18.85
CA LYS A 179 -10.45 -5.81 17.75
C LYS A 179 -9.88 -4.45 18.14
N LEU A 180 -8.67 -4.16 17.64
CA LEU A 180 -7.86 -3.04 18.14
C LEU A 180 -7.49 -2.14 16.95
N TRP A 181 -7.54 -0.83 17.14
CA TRP A 181 -7.10 0.15 16.12
C TRP A 181 -7.88 0.03 14.82
N ILE A 182 -9.19 -0.14 14.95
CA ILE A 182 -10.06 -0.31 13.80
C ILE A 182 -10.48 1.05 13.27
N SER A 183 -10.08 1.33 12.02
CA SER A 183 -10.45 2.57 11.34
C SER A 183 -11.96 2.51 11.06
N ASN A 184 -12.65 3.58 11.43
CA ASN A 184 -14.12 3.63 11.48
C ASN A 184 -14.78 2.75 12.52
N GLY A 185 -13.99 2.15 13.41
CA GLY A 185 -14.54 1.29 14.48
C GLY A 185 -15.72 1.91 15.23
N GLY A 186 -15.64 3.21 15.55
CA GLY A 186 -16.70 3.89 16.35
C GLY A 186 -17.82 4.47 15.48
N LEU A 187 -17.63 4.37 14.17
CA LEU A 187 -18.56 4.99 13.21
C LEU A 187 -19.33 3.94 12.41
N ALA A 188 -18.75 2.75 12.25
CA ALA A 188 -19.32 1.78 11.29
C ALA A 188 -20.57 1.08 11.82
N ASP A 189 -21.49 0.79 10.91
CA ASP A 189 -22.61 -0.11 11.16
C ASP A 189 -22.44 -1.45 10.49
N ILE A 190 -21.47 -1.54 9.56
CA ILE A 190 -21.12 -2.83 8.95
C ILE A 190 -19.64 -3.15 9.19
N PHE A 191 -19.38 -4.35 9.70
CA PHE A 191 -18.01 -4.81 9.98
C PHE A 191 -17.69 -6.10 9.21
N THR A 192 -16.55 -6.12 8.53
CA THR A 192 -15.97 -7.39 8.10
C THR A 192 -15.11 -7.93 9.24
N VAL A 193 -15.54 -9.03 9.84
CA VAL A 193 -14.91 -9.52 11.06
C VAL A 193 -14.28 -10.87 10.83
N PHE A 194 -13.03 -11.01 11.27
CA PHE A 194 -12.32 -12.26 11.09
C PHE A 194 -12.23 -12.92 12.46
N ALA A 195 -12.72 -14.16 12.51
CA ALA A 195 -12.85 -14.92 13.76
C ALA A 195 -12.50 -16.41 13.51
N LYS A 196 -11.91 -17.03 14.53
CA LYS A 196 -11.65 -18.46 14.52
C LYS A 196 -12.96 -19.24 14.72
N THR A 197 -13.22 -20.16 13.80
CA THR A 197 -14.36 -21.06 13.88
C THR A 197 -13.86 -22.52 13.74
N PRO A 198 -14.62 -23.48 14.30
CA PRO A 198 -14.35 -24.91 14.05
C PRO A 198 -14.68 -25.22 12.58
N VAL A 199 -13.81 -25.93 11.90
CA VAL A 199 -14.05 -26.25 10.49
C VAL A 199 -13.95 -27.76 10.31
N THR A 200 -15.00 -28.34 9.72
CA THR A 200 -15.08 -29.78 9.48
C THR A 200 -14.44 -30.18 8.14
N ASP A 201 -13.46 -31.05 8.20
CA ASP A 201 -12.90 -31.63 6.99
C ASP A 201 -13.95 -32.44 6.25
N PRO A 202 -14.13 -32.18 4.93
CA PRO A 202 -15.10 -32.81 4.04
C PRO A 202 -14.96 -34.32 3.93
N ALA A 203 -13.74 -34.83 4.04
CA ALA A 203 -13.47 -36.26 3.90
C ALA A 203 -13.59 -37.06 5.22
N THR A 204 -12.99 -36.55 6.30
CA THR A 204 -12.87 -37.30 7.55
C THR A 204 -13.79 -36.75 8.64
N GLY A 205 -14.32 -35.53 8.44
CA GLY A 205 -15.08 -34.85 9.50
C GLY A 205 -14.23 -34.29 10.65
N ALA A 206 -12.92 -34.50 10.62
CA ALA A 206 -12.08 -34.02 11.72
C ALA A 206 -12.21 -32.50 11.79
N VAL A 207 -12.30 -31.97 13.00
CA VAL A 207 -12.57 -30.56 13.22
C VAL A 207 -11.26 -29.82 13.55
N LYS A 208 -10.98 -28.71 12.85
CA LYS A 208 -9.81 -27.87 13.15
C LYS A 208 -10.27 -26.40 13.28
N GLU A 209 -9.49 -25.58 14.00
CA GLU A 209 -9.80 -24.14 14.10
C GLU A 209 -9.13 -23.42 12.93
N LYS A 210 -9.95 -22.69 12.17
CA LYS A 210 -9.48 -21.86 11.06
C LYS A 210 -10.23 -20.52 11.14
N ILE A 211 -9.67 -19.49 10.51
CA ILE A 211 -10.35 -18.20 10.43
C ILE A 211 -11.47 -18.28 9.39
N THR A 212 -12.58 -17.66 9.74
CA THR A 212 -13.69 -17.40 8.85
C THR A 212 -14.03 -15.90 8.89
N ALA A 213 -14.42 -15.37 7.74
CA ALA A 213 -14.82 -13.95 7.64
C ALA A 213 -16.32 -13.83 7.73
N PHE A 214 -16.79 -12.75 8.37
CA PHE A 214 -18.22 -12.52 8.56
C PHE A 214 -18.57 -11.09 8.20
N VAL A 215 -19.76 -10.91 7.63
CA VAL A 215 -20.40 -9.60 7.58
C VAL A 215 -21.28 -9.40 8.82
N VAL A 216 -20.94 -8.41 9.64
CA VAL A 216 -21.59 -8.26 10.94
C VAL A 216 -22.26 -6.88 10.97
N GLU A 217 -23.54 -6.83 11.34
CA GLU A 217 -24.25 -5.55 11.49
C GLU A 217 -24.17 -5.11 12.94
N ARG A 218 -23.91 -3.81 13.16
CA ARG A 218 -23.93 -3.31 14.53
C ARG A 218 -25.25 -3.68 15.24
N GLY A 219 -26.35 -3.65 14.49
CA GLY A 219 -27.69 -3.92 15.03
C GLY A 219 -27.95 -5.37 15.41
N PHE A 220 -26.99 -6.26 15.18
CA PHE A 220 -27.12 -7.64 15.66
C PHE A 220 -27.07 -7.72 17.20
N GLY A 221 -26.62 -6.64 17.84
CA GLY A 221 -26.47 -6.57 19.29
C GLY A 221 -25.17 -7.14 19.85
N GLY A 222 -24.79 -6.68 21.03
CA GLY A 222 -23.60 -7.17 21.73
C GLY A 222 -22.32 -6.47 21.25
N ILE A 223 -22.49 -5.44 20.41
CA ILE A 223 -21.36 -4.68 19.85
C ILE A 223 -21.23 -3.28 20.46
N THR A 224 -20.06 -3.01 21.03
CA THR A 224 -19.71 -1.68 21.50
C THR A 224 -18.34 -1.28 20.92
N HIS A 225 -17.95 -0.02 21.10
CA HIS A 225 -16.61 0.42 20.67
C HIS A 225 -16.00 1.30 21.76
N GLY A 226 -14.67 1.42 21.74
CA GLY A 226 -14.00 2.36 22.62
C GLY A 226 -14.01 3.79 22.09
N PRO A 227 -13.44 4.70 22.86
CA PRO A 227 -13.35 6.10 22.46
C PRO A 227 -12.30 6.27 21.36
N PRO A 228 -12.39 7.36 20.57
CA PRO A 228 -11.40 7.53 19.48
C PRO A 228 -9.97 7.62 20.06
N GLU A 229 -9.02 6.88 19.47
CA GLU A 229 -7.63 6.89 19.97
C GLU A 229 -6.94 8.21 19.52
N LYS A 230 -6.09 8.78 20.38
CA LYS A 230 -5.30 9.95 20.00
C LYS A 230 -3.98 9.50 19.35
N LYS A 231 -3.64 10.11 18.21
CA LYS A 231 -2.47 9.64 17.48
C LYS A 231 -1.74 10.77 16.76
N MET A 232 -0.59 10.45 16.19
CA MET A 232 0.27 11.48 15.67
C MET A 232 -0.35 12.25 14.48
N GLY A 233 -1.00 11.51 13.58
CA GLY A 233 -1.58 12.07 12.37
C GLY A 233 -2.79 11.27 11.95
N ILE A 234 -3.20 11.48 10.70
CA ILE A 234 -4.56 11.13 10.20
C ILE A 234 -5.61 11.27 11.32
N LYS A 235 -5.56 12.40 12.02
CA LYS A 235 -6.29 12.54 13.28
C LYS A 235 -7.79 12.64 13.02
N ALA A 236 -8.16 13.11 11.82
CA ALA A 236 -9.57 13.15 11.40
C ALA A 236 -10.18 11.77 11.23
N SER A 237 -9.34 10.75 11.01
CA SER A 237 -9.88 9.39 10.84
C SER A 237 -10.20 8.75 12.20
N ASN A 238 -11.40 8.20 12.33
CA ASN A 238 -11.77 7.49 13.54
C ASN A 238 -10.98 6.19 13.69
N THR A 239 -10.40 5.98 14.86
CA THR A 239 -9.68 4.72 15.18
C THR A 239 -10.16 4.24 16.56
N ALA A 240 -10.70 3.03 16.65
CA ALA A 240 -11.32 2.59 17.91
C ALA A 240 -11.24 1.07 18.10
N GLU A 241 -11.19 0.66 19.36
CA GLU A 241 -11.42 -0.74 19.74
C GLU A 241 -12.88 -1.05 19.44
N VAL A 242 -13.14 -2.26 18.99
CA VAL A 242 -14.49 -2.74 18.79
C VAL A 242 -14.63 -4.01 19.64
N PHE A 243 -15.68 -4.07 20.46
CA PHE A 243 -15.94 -5.23 21.32
C PHE A 243 -17.14 -6.07 20.82
N PHE A 244 -16.97 -7.39 20.80
CA PHE A 244 -18.01 -8.34 20.39
C PHE A 244 -18.37 -9.26 21.53
N ASP A 245 -19.54 -9.05 22.10
CA ASP A 245 -19.96 -9.77 23.30
C ASP A 245 -21.18 -10.62 22.97
N GLY A 246 -20.99 -11.93 22.86
CA GLY A 246 -22.10 -12.84 22.53
C GLY A 246 -22.92 -12.42 21.33
N VAL A 247 -22.26 -12.02 20.23
CA VAL A 247 -22.96 -11.48 19.07
C VAL A 247 -23.49 -12.60 18.16
N ARG A 248 -24.80 -12.59 17.95
CA ARG A 248 -25.43 -13.57 17.06
C ARG A 248 -25.34 -13.16 15.59
N VAL A 249 -24.56 -13.92 14.83
CA VAL A 249 -24.36 -13.63 13.41
C VAL A 249 -25.03 -14.75 12.59
N PRO A 250 -26.03 -14.39 11.79
CA PRO A 250 -26.69 -15.34 10.90
C PRO A 250 -25.67 -16.12 10.09
N SER A 251 -25.91 -17.42 9.95
CA SER A 251 -25.01 -18.29 9.22
C SER A 251 -24.82 -17.84 7.78
N GLU A 252 -25.82 -17.13 7.27
CA GLU A 252 -25.75 -16.69 5.87
C GLU A 252 -24.88 -15.44 5.74
N ASN A 253 -24.35 -14.96 6.86
CA ASN A 253 -23.47 -13.79 6.85
C ASN A 253 -21.98 -14.19 6.82
N VAL A 254 -21.70 -15.49 6.73
CA VAL A 254 -20.37 -15.95 6.34
C VAL A 254 -19.99 -15.37 4.97
N LEU A 255 -18.79 -14.81 4.91
CA LEU A 255 -18.29 -14.19 3.70
C LEU A 255 -17.25 -15.12 3.12
N GLY A 256 -17.51 -15.64 1.92
CA GLY A 256 -16.66 -16.69 1.37
C GLY A 256 -16.99 -18.03 2.04
N GLU A 257 -15.99 -18.91 2.10
CA GLU A 257 -16.20 -20.25 2.62
C GLU A 257 -15.84 -20.30 4.08
N VAL A 258 -16.62 -21.03 4.87
CA VAL A 258 -16.20 -21.33 6.24
C VAL A 258 -14.77 -21.89 6.25
N GLY A 259 -13.91 -21.30 7.09
CA GLY A 259 -12.50 -21.69 7.15
C GLY A 259 -11.52 -21.08 6.13
N SER A 260 -12.04 -20.30 5.17
CA SER A 260 -11.18 -19.63 4.19
C SER A 260 -11.02 -18.10 4.49
N GLY A 261 -11.25 -17.69 5.73
CA GLY A 261 -11.23 -16.28 6.13
C GLY A 261 -9.84 -15.66 6.06
N PHE A 262 -8.81 -16.46 6.24
CA PHE A 262 -7.44 -15.93 6.13
C PHE A 262 -7.16 -15.48 4.71
N LYS A 263 -7.44 -16.38 3.75
CA LYS A 263 -7.38 -16.07 2.33
C LYS A 263 -8.26 -14.87 1.95
N VAL A 264 -9.45 -14.81 2.52
CA VAL A 264 -10.31 -13.63 2.31
C VAL A 264 -9.65 -12.34 2.78
N ALA A 265 -9.10 -12.34 4.00
CA ALA A 265 -8.42 -11.14 4.52
C ALA A 265 -7.31 -10.71 3.56
N MET A 266 -6.50 -11.68 3.14
CA MET A 266 -5.29 -11.39 2.39
C MET A 266 -5.66 -10.88 0.99
N HIS A 267 -6.74 -11.42 0.43
CA HIS A 267 -7.23 -10.97 -0.87
C HIS A 267 -7.75 -9.56 -0.81
N ILE A 268 -8.52 -9.23 0.23
CA ILE A 268 -9.01 -7.86 0.39
C ILE A 268 -7.86 -6.87 0.46
N LEU A 269 -6.88 -7.14 1.34
CA LEU A 269 -5.70 -6.28 1.50
C LEU A 269 -4.86 -6.17 0.23
N ASN A 270 -4.59 -7.28 -0.43
CA ASN A 270 -3.94 -7.26 -1.75
C ASN A 270 -4.71 -6.42 -2.76
N ASN A 271 -6.00 -6.66 -2.86
CA ASN A 271 -6.85 -5.91 -3.79
C ASN A 271 -6.82 -4.40 -3.56
N GLY A 272 -6.90 -3.98 -2.30
CA GLY A 272 -6.84 -2.56 -1.96
C GLY A 272 -5.47 -1.89 -2.01
N ARG A 273 -4.41 -2.69 -2.10
CA ARG A 273 -3.06 -2.20 -1.91
C ARG A 273 -2.65 -1.08 -2.87
N PHE A 274 -3.01 -1.21 -4.15
CA PHE A 274 -2.63 -0.20 -5.15
C PHE A 274 -3.17 1.18 -4.81
N GLY A 275 -4.25 1.24 -4.02
CA GLY A 275 -4.92 2.52 -3.73
C GLY A 275 -3.97 3.39 -2.94
N MET A 276 -3.17 2.78 -2.08
CA MET A 276 -2.18 3.51 -1.31
C MET A 276 -1.15 4.29 -2.13
N ALA A 277 -0.44 3.62 -3.06
CA ALA A 277 0.51 4.30 -3.90
C ALA A 277 -0.19 5.37 -4.72
N ALA A 278 -1.44 5.10 -5.13
CA ALA A 278 -2.24 6.11 -5.86
C ALA A 278 -2.45 7.35 -5.01
N ALA A 279 -2.93 7.18 -3.79
CA ALA A 279 -3.16 8.33 -2.92
C ALA A 279 -1.86 9.09 -2.72
N LEU A 280 -0.78 8.36 -2.47
CA LEU A 280 0.48 8.97 -2.05
C LEU A 280 1.21 9.65 -3.19
N ALA A 281 0.94 9.19 -4.42
CA ALA A 281 1.42 9.89 -5.61
C ALA A 281 0.84 11.31 -5.63
N GLY A 282 -0.46 11.41 -5.31
CA GLY A 282 -1.15 12.70 -5.12
C GLY A 282 -0.59 13.51 -3.98
N THR A 283 -0.42 12.89 -2.81
CA THR A 283 0.27 13.59 -1.70
C THR A 283 1.57 14.25 -2.17
N MET A 284 2.42 13.45 -2.84
CA MET A 284 3.71 13.96 -3.32
C MET A 284 3.61 15.08 -4.34
N ARG A 285 2.69 14.94 -5.27
CA ARG A 285 2.43 16.00 -6.24
C ARG A 285 2.13 17.34 -5.55
N GLY A 286 1.24 17.33 -4.55
CA GLY A 286 0.87 18.53 -3.80
C GLY A 286 2.08 19.09 -3.04
N ILE A 287 2.78 18.20 -2.38
CA ILE A 287 4.00 18.57 -1.62
C ILE A 287 5.09 19.17 -2.51
N ILE A 288 5.31 18.59 -3.68
CA ILE A 288 6.33 19.12 -4.59
C ILE A 288 5.96 20.53 -5.06
N ALA A 289 4.68 20.74 -5.33
CA ALA A 289 4.23 22.09 -5.66
C ALA A 289 4.63 23.09 -4.54
N LYS A 290 4.41 22.71 -3.27
CA LYS A 290 4.77 23.59 -2.16
C LYS A 290 6.30 23.86 -2.08
N ALA A 291 7.12 22.81 -2.24
CA ALA A 291 8.58 22.93 -2.18
C ALA A 291 9.10 23.78 -3.34
N VAL A 292 8.58 23.54 -4.55
CA VAL A 292 8.93 24.36 -5.72
C VAL A 292 8.56 25.84 -5.51
N ASP A 293 7.35 26.09 -5.03
CA ASP A 293 6.93 27.45 -4.73
C ASP A 293 7.88 28.12 -3.73
N HIS A 294 8.22 27.41 -2.65
CA HIS A 294 9.19 27.97 -1.69
C HIS A 294 10.54 28.30 -2.32
N ALA A 295 11.12 27.32 -3.03
CA ALA A 295 12.43 27.52 -3.69
C ALA A 295 12.43 28.60 -4.78
N THR A 296 11.29 28.76 -5.45
CA THR A 296 11.15 29.76 -6.50
C THR A 296 11.26 31.18 -5.91
N ASN A 297 10.66 31.37 -4.74
CA ASN A 297 10.49 32.70 -4.21
C ASN A 297 11.37 33.10 -3.04
N ARG A 298 12.13 32.17 -2.46
CA ARG A 298 12.99 32.52 -1.33
C ARG A 298 14.38 32.97 -1.80
N THR A 299 14.71 34.24 -1.53
CA THR A 299 16.08 34.74 -1.69
C THR A 299 16.91 34.44 -0.43
N GLN A 300 18.11 33.90 -0.61
CA GLN A 300 19.11 33.80 0.44
C GLN A 300 20.50 33.83 -0.26
N PHE A 301 21.47 34.46 0.39
CA PHE A 301 22.77 34.71 -0.22
C PHE A 301 22.63 35.30 -1.62
N GLY A 302 21.66 36.20 -1.78
CA GLY A 302 21.58 37.03 -2.99
C GLY A 302 20.91 36.40 -4.19
N GLU A 303 20.45 35.15 -4.09
CA GLU A 303 19.77 34.51 -5.22
C GLU A 303 18.53 33.76 -4.74
N LYS A 304 17.56 33.53 -5.63
CA LYS A 304 16.49 32.58 -5.29
C LYS A 304 17.10 31.18 -5.12
N ILE A 305 16.67 30.44 -4.10
CA ILE A 305 17.43 29.27 -3.66
C ILE A 305 17.41 28.10 -4.64
N HIS A 306 16.47 28.10 -5.59
CA HIS A 306 16.42 27.10 -6.65
C HIS A 306 17.65 27.13 -7.55
N ASN A 307 18.44 28.19 -7.42
CA ASN A 307 19.71 28.31 -8.13
C ASN A 307 20.88 27.60 -7.44
N PHE A 308 20.65 27.01 -6.27
CA PHE A 308 21.72 26.33 -5.54
C PHE A 308 21.63 24.81 -5.76
N GLY A 309 22.77 24.17 -6.02
CA GLY A 309 22.77 22.72 -6.36
C GLY A 309 22.12 21.87 -5.26
N LEU A 310 22.39 22.17 -3.98
CA LEU A 310 21.77 21.29 -2.93
C LEU A 310 20.23 21.23 -3.11
N ILE A 311 19.61 22.38 -3.37
CA ILE A 311 18.17 22.48 -3.54
C ILE A 311 17.75 21.79 -4.84
N GLN A 312 18.47 22.04 -5.93
CA GLN A 312 18.16 21.35 -7.20
C GLN A 312 18.17 19.83 -7.05
N GLU A 313 19.17 19.29 -6.36
CA GLU A 313 19.17 17.83 -6.20
C GLU A 313 18.01 17.32 -5.38
N LYS A 314 17.69 18.00 -4.27
CA LYS A 314 16.50 17.65 -3.49
C LYS A 314 15.24 17.62 -4.36
N LEU A 315 15.00 18.70 -5.13
CA LEU A 315 13.81 18.77 -5.98
C LEU A 315 13.75 17.65 -7.02
N ALA A 316 14.87 17.42 -7.71
CA ALA A 316 14.96 16.35 -8.70
C ALA A 316 14.65 15.00 -8.09
N ARG A 317 15.21 14.70 -6.91
CA ARG A 317 14.95 13.39 -6.29
C ARG A 317 13.50 13.22 -5.89
N MET A 318 12.88 14.28 -5.40
CA MET A 318 11.47 14.28 -5.05
C MET A 318 10.57 13.95 -6.24
N VAL A 319 10.81 14.60 -7.38
CA VAL A 319 9.97 14.30 -8.52
C VAL A 319 10.18 12.90 -9.07
N MET A 320 11.43 12.41 -9.05
CA MET A 320 11.68 11.02 -9.43
C MET A 320 10.89 10.07 -8.55
N LEU A 321 10.91 10.33 -7.25
CA LEU A 321 10.13 9.51 -6.32
C LEU A 321 8.63 9.52 -6.60
N GLN A 322 8.10 10.71 -6.84
CA GLN A 322 6.70 10.89 -7.23
C GLN A 322 6.38 10.13 -8.53
N TYR A 323 7.25 10.26 -9.53
CA TYR A 323 7.00 9.67 -10.85
C TYR A 323 7.03 8.15 -10.74
N VAL A 324 8.03 7.59 -10.05
CA VAL A 324 8.08 6.13 -9.92
C VAL A 324 6.83 5.65 -9.21
N THR A 325 6.45 6.33 -8.13
CA THR A 325 5.32 5.87 -7.31
C THR A 325 4.04 5.88 -8.12
N GLU A 326 3.77 7.02 -8.75
CA GLU A 326 2.56 7.18 -9.59
C GLU A 326 2.56 6.15 -10.72
N SER A 327 3.73 5.91 -11.32
CA SER A 327 3.85 4.93 -12.40
C SER A 327 3.52 3.50 -11.94
N MET A 328 4.02 3.13 -10.76
CA MET A 328 3.64 1.83 -10.16
C MET A 328 2.13 1.73 -9.88
N ALA A 329 1.56 2.76 -9.28
CA ALA A 329 0.16 2.75 -8.88
C ALA A 329 -0.76 2.48 -10.07
N TYR A 330 -0.54 3.20 -11.17
CA TYR A 330 -1.37 3.03 -12.36
C TYR A 330 -1.09 1.78 -13.17
N MET A 331 0.14 1.25 -13.07
CA MET A 331 0.44 -0.05 -13.66
C MET A 331 -0.29 -1.18 -12.95
N VAL A 332 -0.23 -1.16 -11.62
CA VAL A 332 -0.91 -2.21 -10.86
C VAL A 332 -2.42 -2.12 -11.07
N SER A 333 -2.97 -0.91 -11.03
CA SER A 333 -4.43 -0.81 -11.25
C SER A 333 -4.82 -1.28 -12.66
N ALA A 334 -4.01 -0.94 -13.67
CA ALA A 334 -4.27 -1.43 -15.04
C ALA A 334 -4.22 -2.95 -15.11
N ASN A 335 -3.21 -3.55 -14.48
CA ASN A 335 -3.07 -5.03 -14.47
C ASN A 335 -4.35 -5.62 -13.88
N MET A 336 -4.85 -5.05 -12.80
CA MET A 336 -6.08 -5.54 -12.17
C MET A 336 -7.30 -5.41 -13.09
N ASP A 337 -7.41 -4.26 -13.77
CA ASP A 337 -8.51 -4.00 -14.70
C ASP A 337 -8.43 -4.89 -15.93
N GLN A 338 -7.23 -5.31 -16.28
CA GLN A 338 -7.01 -6.17 -17.44
C GLN A 338 -7.10 -7.65 -17.09
N GLY A 339 -7.55 -7.97 -15.88
CA GLY A 339 -7.73 -9.37 -15.50
C GLY A 339 -6.51 -10.12 -14.97
N ALA A 340 -5.41 -9.43 -14.68
CA ALA A 340 -4.29 -10.11 -14.00
C ALA A 340 -4.70 -10.89 -12.73
N THR A 341 -4.17 -12.10 -12.60
CA THR A 341 -4.38 -12.90 -11.41
C THR A 341 -3.14 -12.86 -10.48
N ASP A 342 -1.99 -12.46 -11.01
CA ASP A 342 -0.71 -12.50 -10.27
C ASP A 342 -0.07 -11.11 -10.32
N PHE A 343 -0.35 -10.30 -9.31
CA PHE A 343 0.18 -8.91 -9.20
C PHE A 343 0.51 -8.61 -7.71
N GLN A 344 0.46 -9.63 -6.87
CA GLN A 344 0.60 -9.45 -5.41
C GLN A 344 2.01 -8.93 -5.00
N ILE A 345 3.06 -9.38 -5.69
CA ILE A 345 4.41 -8.89 -5.33
C ILE A 345 4.53 -7.42 -5.78
N GLU A 346 4.03 -7.14 -6.98
CA GLU A 346 4.08 -5.79 -7.54
C GLU A 346 3.26 -4.82 -6.66
N ALA A 347 2.10 -5.28 -6.19
CA ALA A 347 1.27 -4.46 -5.27
C ALA A 347 2.01 -4.19 -3.96
N ALA A 348 2.66 -5.20 -3.40
CA ALA A 348 3.45 -5.01 -2.19
C ALA A 348 4.61 -4.04 -2.40
N ILE A 349 5.34 -4.20 -3.51
CA ILE A 349 6.38 -3.23 -3.89
C ILE A 349 5.84 -1.80 -3.92
N SER A 350 4.67 -1.60 -4.51
CA SER A 350 4.16 -0.25 -4.72
C SER A 350 3.80 0.35 -3.38
N LYS A 351 3.31 -0.48 -2.47
CA LYS A 351 2.92 -0.02 -1.11
C LYS A 351 4.20 0.42 -0.36
N ILE A 352 5.22 -0.45 -0.35
CA ILE A 352 6.49 -0.13 0.33
C ILE A 352 7.12 1.12 -0.28
N PHE A 353 7.27 1.11 -1.61
CA PHE A 353 7.94 2.21 -2.30
C PHE A 353 7.18 3.53 -2.10
N GLY A 354 5.85 3.50 -2.28
CA GLY A 354 5.05 4.71 -2.23
C GLY A 354 5.05 5.36 -0.84
N SER A 355 4.86 4.54 0.19
CA SER A 355 4.85 5.05 1.58
C SER A 355 6.21 5.63 1.99
N GLU A 356 7.30 4.95 1.59
CA GLU A 356 8.61 5.47 1.90
C GLU A 356 8.97 6.71 1.07
N ALA A 357 8.59 6.71 -0.20
CA ALA A 357 8.84 7.86 -1.11
C ALA A 357 8.09 9.06 -0.53
N ALA A 358 6.82 8.90 -0.18
CA ALA A 358 6.05 10.05 0.27
C ALA A 358 6.63 10.65 1.58
N TRP A 359 7.05 9.77 2.48
CA TRP A 359 7.72 10.15 3.70
C TRP A 359 8.99 10.99 3.40
N LYS A 360 9.87 10.46 2.56
CA LYS A 360 11.12 11.17 2.19
C LYS A 360 10.87 12.49 1.47
N VAL A 361 9.88 12.49 0.60
CA VAL A 361 9.58 13.71 -0.20
C VAL A 361 9.08 14.82 0.72
N THR A 362 8.17 14.48 1.62
CA THR A 362 7.62 15.46 2.55
C THR A 362 8.67 15.91 3.58
N ASP A 363 9.47 14.98 4.07
CA ASP A 363 10.65 15.33 4.90
C ASP A 363 11.59 16.35 4.23
N GLU A 364 11.92 16.16 2.94
CA GLU A 364 12.77 17.09 2.22
C GLU A 364 12.05 18.42 1.89
N CYS A 365 10.73 18.38 1.68
CA CYS A 365 9.97 19.63 1.55
C CYS A 365 10.12 20.50 2.82
N ILE A 366 9.98 19.88 3.99
CA ILE A 366 10.31 20.61 5.24
C ILE A 366 11.72 21.24 5.23
N GLN A 367 12.72 20.43 4.84
CA GLN A 367 14.12 20.87 4.81
C GLN A 367 14.30 22.09 3.90
N ILE A 368 13.73 22.00 2.70
CA ILE A 368 13.73 23.13 1.73
C ILE A 368 13.10 24.42 2.32
N MET A 369 12.02 24.28 3.07
CA MET A 369 11.30 25.41 3.63
C MET A 369 12.03 26.02 4.83
N GLY A 370 13.03 25.30 5.36
CA GLY A 370 13.76 25.73 6.56
C GLY A 370 12.84 25.86 7.78
N GLY A 371 13.07 26.90 8.58
CA GLY A 371 12.31 27.12 9.83
C GLY A 371 10.81 27.04 9.57
N MET A 372 10.39 27.61 8.45
CA MET A 372 8.97 27.64 8.14
C MET A 372 8.31 26.26 8.00
N GLY A 373 9.08 25.29 7.48
CA GLY A 373 8.59 23.91 7.26
C GLY A 373 8.16 23.24 8.58
N PHE A 374 8.72 23.68 9.68
CA PHE A 374 8.40 23.16 11.03
C PHE A 374 7.16 23.84 11.67
N MET A 375 6.73 24.97 11.12
CA MET A 375 5.59 25.72 11.64
C MET A 375 4.25 25.05 11.31
N LYS A 376 3.25 25.24 12.14
CA LYS A 376 1.97 24.57 11.85
C LYS A 376 1.26 25.16 10.60
N GLU A 377 1.29 26.49 10.48
CA GLU A 377 0.49 27.19 9.45
C GLU A 377 0.68 26.72 8.00
N PRO A 378 1.93 26.52 7.55
CA PRO A 378 2.09 25.96 6.19
C PRO A 378 1.45 24.58 5.91
N GLY A 379 1.13 23.80 6.93
CA GLY A 379 0.44 22.53 6.73
C GLY A 379 1.30 21.35 6.26
N VAL A 380 2.59 21.59 6.03
CA VAL A 380 3.45 20.48 5.63
C VAL A 380 3.74 19.51 6.79
N GLU A 381 3.98 20.04 7.98
CA GLU A 381 4.23 19.16 9.11
C GLU A 381 3.01 18.27 9.35
N ARG A 382 1.79 18.78 9.09
CA ARG A 382 0.57 17.95 9.27
C ARG A 382 0.62 16.75 8.31
N VAL A 383 1.00 17.00 7.06
CA VAL A 383 1.11 15.89 6.07
C VAL A 383 2.23 14.87 6.50
N LEU A 384 3.38 15.35 7.00
CA LEU A 384 4.40 14.43 7.52
C LEU A 384 3.83 13.53 8.63
N ARG A 385 3.10 14.14 9.55
CA ARG A 385 2.48 13.41 10.65
C ARG A 385 1.52 12.36 10.13
N ASP A 386 0.63 12.77 9.22
CA ASP A 386 -0.29 11.82 8.53
C ASP A 386 0.50 10.64 7.92
N LEU A 387 1.64 10.94 7.33
CA LEU A 387 2.33 9.94 6.50
C LEU A 387 2.95 8.80 7.31
N ARG A 388 3.30 9.04 8.58
CA ARG A 388 4.17 8.08 9.29
C ARG A 388 3.52 6.67 9.33
N ILE A 389 2.20 6.63 9.54
CA ILE A 389 1.49 5.33 9.70
C ILE A 389 1.46 4.50 8.38
N PHE A 390 1.64 5.14 7.23
CA PHE A 390 1.51 4.42 5.93
C PHE A 390 2.59 3.39 5.73
N ARG A 391 3.66 3.52 6.51
CA ARG A 391 4.71 2.53 6.52
C ARG A 391 4.45 1.35 7.46
N ILE A 392 3.35 1.40 8.20
CA ILE A 392 3.10 0.43 9.25
C ILE A 392 1.80 -0.34 9.01
N PHE A 393 0.70 0.38 8.74
CA PHE A 393 -0.55 -0.33 8.45
C PHE A 393 -0.72 -0.85 7.02
N GLU A 394 -1.73 -1.67 6.82
CA GLU A 394 -1.91 -2.45 5.57
C GLU A 394 -0.66 -3.27 5.24
N GLY A 395 -0.07 -3.87 6.27
CA GLY A 395 1.16 -4.66 6.13
C GLY A 395 2.35 -3.77 6.49
N THR A 396 3.07 -4.09 7.56
CA THR A 396 4.23 -3.21 7.89
C THR A 396 5.18 -3.33 6.71
N ASN A 397 5.97 -2.28 6.42
CA ASN A 397 6.89 -2.44 5.31
C ASN A 397 7.97 -3.51 5.52
N ASP A 398 8.33 -3.78 6.78
CA ASP A 398 9.24 -4.88 7.12
C ASP A 398 8.66 -6.24 6.74
N ILE A 399 7.40 -6.46 7.09
CA ILE A 399 6.73 -7.71 6.75
C ILE A 399 6.49 -7.83 5.24
N LEU A 400 6.16 -6.71 4.60
CA LEU A 400 5.98 -6.71 3.17
C LEU A 400 7.29 -6.99 2.42
N ARG A 401 8.43 -6.50 2.94
CA ARG A 401 9.73 -6.90 2.37
C ARG A 401 9.98 -8.40 2.45
N LEU A 402 9.72 -9.01 3.59
CA LEU A 402 9.84 -10.48 3.73
C LEU A 402 8.91 -11.18 2.70
N PHE A 403 7.68 -10.69 2.61
CA PHE A 403 6.74 -11.23 1.63
C PHE A 403 7.23 -11.16 0.16
N VAL A 404 7.69 -9.98 -0.26
CA VAL A 404 8.21 -9.79 -1.60
C VAL A 404 9.36 -10.78 -1.86
N ALA A 405 10.32 -10.85 -0.94
CA ALA A 405 11.45 -11.73 -1.09
C ALA A 405 11.07 -13.23 -1.10
N LEU A 406 10.30 -13.65 -0.10
CA LEU A 406 9.91 -15.06 -0.01
C LEU A 406 8.93 -15.43 -1.11
N GLN A 407 7.96 -14.57 -1.41
CA GLN A 407 7.06 -14.89 -2.51
C GLN A 407 7.80 -15.00 -3.84
N GLY A 408 8.69 -14.05 -4.13
CA GLY A 408 9.54 -14.13 -5.30
C GLY A 408 10.39 -15.40 -5.37
N CYS A 409 10.90 -15.83 -4.21
CA CYS A 409 11.74 -17.04 -4.16
C CYS A 409 10.96 -18.32 -4.47
N MET A 410 9.65 -18.31 -4.18
CA MET A 410 8.88 -19.54 -4.12
C MET A 410 8.96 -20.39 -5.40
N ASP A 411 8.66 -19.77 -6.53
CA ASP A 411 8.67 -20.47 -7.81
C ASP A 411 10.06 -20.89 -8.25
N LYS A 412 11.08 -20.08 -7.96
CA LYS A 412 12.45 -20.48 -8.26
C LYS A 412 12.83 -21.68 -7.40
N GLY A 413 12.39 -21.68 -6.14
CA GLY A 413 12.68 -22.77 -5.21
C GLY A 413 11.99 -24.06 -5.65
N LYS A 414 10.78 -23.92 -6.18
CA LYS A 414 10.01 -25.02 -6.77
C LYS A 414 10.83 -25.67 -7.89
N GLU A 415 11.16 -24.87 -8.91
CA GLU A 415 12.10 -25.29 -9.97
C GLU A 415 13.36 -26.00 -9.46
N LEU A 416 14.18 -25.30 -8.69
CA LEU A 416 15.36 -25.92 -8.08
C LEU A 416 14.99 -27.24 -7.40
N SER A 417 13.90 -27.22 -6.63
CA SER A 417 13.35 -28.40 -5.94
C SER A 417 14.34 -29.54 -5.88
N LEU A 451 18.99 -12.26 -22.92
CA LEU A 451 17.90 -11.43 -22.40
C LEU A 451 18.04 -10.02 -22.96
N SER A 452 16.94 -9.47 -23.47
CA SER A 452 17.00 -8.12 -24.00
C SER A 452 15.67 -7.42 -23.89
N LEU A 453 15.69 -6.11 -23.62
CA LEU A 453 14.48 -5.27 -23.73
C LEU A 453 14.37 -4.56 -25.10
N SER A 454 15.25 -4.89 -26.02
CA SER A 454 15.19 -4.33 -27.37
C SER A 454 13.81 -4.58 -28.01
N GLY A 455 13.27 -3.57 -28.67
CA GLY A 455 11.95 -3.73 -29.28
C GLY A 455 10.83 -3.53 -28.28
N LEU A 456 11.16 -3.49 -26.99
CA LEU A 456 10.14 -3.13 -26.01
C LEU A 456 10.36 -1.73 -25.43
N VAL A 457 11.58 -1.47 -24.95
CA VAL A 457 11.95 -0.14 -24.54
C VAL A 457 12.10 0.70 -25.80
N HIS A 458 11.83 1.99 -25.68
CA HIS A 458 12.04 2.92 -26.79
C HIS A 458 13.55 3.01 -27.12
N PRO A 459 13.89 3.10 -28.42
CA PRO A 459 15.33 3.19 -28.75
C PRO A 459 16.12 4.27 -28.00
N GLU A 460 15.50 5.39 -27.69
CA GLU A 460 16.19 6.44 -26.93
C GLU A 460 16.49 6.03 -25.47
N LEU A 461 15.86 4.95 -25.00
CA LEU A 461 16.11 4.43 -23.66
C LEU A 461 16.85 3.10 -23.65
N SER A 462 17.49 2.75 -24.77
CA SER A 462 18.13 1.43 -24.87
C SER A 462 19.21 1.22 -23.79
N ARG A 463 19.97 2.25 -23.46
CA ARG A 463 21.08 2.10 -22.50
C ARG A 463 20.51 1.77 -21.11
N SER A 464 19.49 2.51 -20.71
CA SER A 464 18.85 2.21 -19.43
C SER A 464 18.13 0.86 -19.42
N GLY A 465 17.56 0.47 -20.55
CA GLY A 465 16.98 -0.86 -20.73
C GLY A 465 18.01 -1.95 -20.45
N GLU A 466 19.23 -1.75 -20.97
CA GLU A 466 20.33 -2.68 -20.73
C GLU A 466 20.75 -2.68 -19.27
N LEU A 467 20.83 -1.48 -18.68
CA LEU A 467 21.06 -1.40 -17.22
C LEU A 467 20.10 -2.31 -16.44
N ALA A 468 18.81 -2.25 -16.79
CA ALA A 468 17.79 -3.05 -16.13
C ALA A 468 18.00 -4.55 -16.34
N VAL A 469 18.31 -4.95 -17.57
CA VAL A 469 18.55 -6.35 -17.87
C VAL A 469 19.80 -6.90 -17.13
N ARG A 470 20.90 -6.14 -17.11
CA ARG A 470 22.06 -6.56 -16.31
C ARG A 470 21.74 -6.61 -14.82
N ALA A 471 21.04 -5.60 -14.32
CA ALA A 471 20.59 -5.65 -12.90
C ALA A 471 19.73 -6.90 -12.62
N LEU A 472 18.81 -7.22 -13.52
CA LEU A 472 18.00 -8.47 -13.39
C LEU A 472 18.86 -9.75 -13.33
N GLU A 473 19.85 -9.84 -14.22
CA GLU A 473 20.77 -10.94 -14.22
C GLU A 473 21.55 -11.04 -12.91
N GLN A 474 22.08 -9.91 -12.43
CA GLN A 474 22.79 -9.89 -11.14
C GLN A 474 21.90 -10.37 -10.03
N PHE A 475 20.65 -9.89 -10.04
CA PHE A 475 19.69 -10.20 -8.99
C PHE A 475 19.34 -11.68 -9.01
N ALA A 476 18.99 -12.20 -10.18
CA ALA A 476 18.61 -13.61 -10.29
C ALA A 476 19.75 -14.58 -9.89
N THR A 477 20.99 -14.23 -10.24
CA THR A 477 22.15 -15.05 -9.90
C THR A 477 22.24 -15.23 -8.39
N VAL A 478 22.12 -14.13 -7.66
CA VAL A 478 22.15 -14.18 -6.20
C VAL A 478 20.99 -15.00 -5.60
N VAL A 479 19.78 -14.74 -6.07
CA VAL A 479 18.60 -15.49 -5.64
C VAL A 479 18.86 -17.01 -5.77
N GLU A 480 19.36 -17.42 -6.94
CA GLU A 480 19.61 -18.85 -7.17
C GLU A 480 20.66 -19.38 -6.21
N ALA A 481 21.78 -18.66 -6.10
CA ALA A 481 22.86 -19.10 -5.21
C ALA A 481 22.38 -19.21 -3.77
N LYS A 482 21.61 -18.21 -3.31
CA LYS A 482 21.07 -18.24 -1.94
C LYS A 482 20.05 -19.34 -1.66
N LEU A 483 19.23 -19.66 -2.65
CA LEU A 483 18.25 -20.73 -2.47
C LEU A 483 18.95 -22.09 -2.40
N ILE A 484 19.95 -22.27 -3.26
CA ILE A 484 20.71 -23.52 -3.23
C ILE A 484 21.40 -23.64 -1.86
N LYS A 485 22.04 -22.56 -1.43
CA LYS A 485 22.73 -22.54 -0.13
C LYS A 485 21.81 -22.81 1.07
N HIS A 486 20.72 -22.06 1.18
CA HIS A 486 19.88 -22.08 2.37
C HIS A 486 18.66 -23.00 2.28
N LYS A 487 18.22 -23.31 1.06
CA LYS A 487 17.02 -24.07 0.86
C LYS A 487 15.79 -23.50 1.61
N LYS A 488 15.04 -24.36 2.31
CA LYS A 488 13.85 -23.94 3.06
C LYS A 488 14.19 -23.02 4.24
N GLY A 489 15.41 -23.16 4.75
CA GLY A 489 15.89 -22.33 5.83
C GLY A 489 16.15 -20.87 5.42
N ILE A 490 16.00 -20.56 4.13
CA ILE A 490 16.07 -19.15 3.68
C ILE A 490 15.05 -18.23 4.40
N VAL A 491 13.97 -18.82 4.90
CA VAL A 491 12.92 -18.10 5.61
C VAL A 491 13.42 -17.42 6.87
N ASN A 492 14.49 -17.96 7.47
CA ASN A 492 15.03 -17.38 8.69
C ASN A 492 16.20 -16.46 8.43
N GLU A 493 16.54 -16.27 7.16
CA GLU A 493 17.68 -15.44 6.82
C GLU A 493 17.20 -13.99 6.58
N GLN A 494 16.79 -13.30 7.63
CA GLN A 494 16.08 -12.05 7.43
C GLN A 494 16.95 -10.86 6.96
N PHE A 495 18.22 -10.81 7.39
CA PHE A 495 19.12 -9.76 6.88
C PHE A 495 19.19 -9.84 5.33
N LEU A 496 19.37 -11.07 4.83
CA LEU A 496 19.42 -11.35 3.40
C LEU A 496 18.11 -11.00 2.73
N LEU A 497 16.98 -11.43 3.33
CA LEU A 497 15.69 -11.28 2.66
C LEU A 497 15.35 -9.80 2.47
N GLN A 498 15.65 -8.96 3.47
CA GLN A 498 15.36 -7.53 3.37
C GLN A 498 16.19 -6.94 2.25
N ARG A 499 17.46 -7.37 2.13
CA ARG A 499 18.30 -6.91 1.03
C ARG A 499 17.84 -7.38 -0.36
N LEU A 500 17.35 -8.60 -0.45
CA LEU A 500 16.78 -9.09 -1.71
C LEU A 500 15.53 -8.29 -2.07
N ALA A 501 14.68 -8.02 -1.07
CA ALA A 501 13.46 -7.22 -1.30
C ALA A 501 13.79 -5.85 -1.86
N ASP A 502 14.83 -5.21 -1.33
CA ASP A 502 15.23 -3.91 -1.87
C ASP A 502 15.69 -3.98 -3.33
N GLY A 503 16.43 -5.03 -3.67
CA GLY A 503 16.82 -5.27 -5.07
C GLY A 503 15.58 -5.39 -5.93
N ALA A 504 14.64 -6.25 -5.52
CA ALA A 504 13.35 -6.44 -6.22
C ALA A 504 12.60 -5.10 -6.40
N ILE A 505 12.53 -4.31 -5.32
CA ILE A 505 11.88 -3.01 -5.41
C ILE A 505 12.50 -2.11 -6.50
N ASP A 506 13.83 -2.00 -6.51
CA ASP A 506 14.50 -1.12 -7.46
C ASP A 506 14.39 -1.69 -8.86
N LEU A 507 14.37 -3.01 -8.97
CA LEU A 507 14.24 -3.63 -10.29
C LEU A 507 12.85 -3.36 -10.89
N TYR A 508 11.79 -3.56 -10.11
CA TYR A 508 10.46 -3.18 -10.59
C TYR A 508 10.38 -1.65 -10.88
N ALA A 509 10.89 -0.81 -9.98
CA ALA A 509 10.90 0.65 -10.23
C ALA A 509 11.51 1.00 -11.59
N MET A 510 12.61 0.34 -11.92
CA MET A 510 13.31 0.58 -13.18
C MET A 510 12.44 0.25 -14.40
N VAL A 511 11.83 -0.92 -14.42
CA VAL A 511 11.11 -1.29 -15.63
C VAL A 511 9.79 -0.52 -15.71
N VAL A 512 9.23 -0.14 -14.56
CA VAL A 512 8.00 0.66 -14.55
C VAL A 512 8.27 2.02 -15.25
N VAL A 513 9.38 2.69 -14.93
CA VAL A 513 9.64 3.98 -15.55
C VAL A 513 10.19 3.83 -16.97
N LEU A 514 10.87 2.71 -17.24
CA LEU A 514 11.33 2.44 -18.61
C LEU A 514 10.10 2.31 -19.52
N SER A 515 9.12 1.55 -19.06
CA SER A 515 7.85 1.37 -19.77
C SER A 515 7.10 2.68 -19.98
N ARG A 516 6.88 3.42 -18.90
CA ARG A 516 6.09 4.64 -19.02
C ARG A 516 6.74 5.66 -19.91
N ALA A 517 8.03 5.92 -19.69
CA ALA A 517 8.75 6.88 -20.54
C ALA A 517 8.86 6.40 -22.01
N SER A 518 8.99 5.09 -22.23
CA SER A 518 9.02 4.55 -23.61
C SER A 518 7.71 4.81 -24.34
N ARG A 519 6.59 4.59 -23.67
CA ARG A 519 5.30 4.90 -24.29
C ARG A 519 5.19 6.40 -24.59
N SER A 520 5.52 7.24 -23.60
CA SER A 520 5.59 8.68 -23.84
C SER A 520 6.43 9.05 -25.09
N LEU A 521 7.62 8.46 -25.20
CA LEU A 521 8.49 8.71 -26.35
C LEU A 521 7.81 8.23 -27.63
N SER A 522 7.24 7.02 -27.59
CA SER A 522 6.60 6.43 -28.77
C SER A 522 5.46 7.28 -29.28
N GLU A 523 4.68 7.83 -28.37
CA GLU A 523 3.54 8.65 -28.69
C GLU A 523 3.91 10.10 -29.01
N GLY A 524 5.16 10.49 -28.77
CA GLY A 524 5.56 11.90 -28.93
C GLY A 524 4.86 12.84 -27.95
N HIS A 525 4.57 12.34 -26.76
CA HIS A 525 3.89 13.12 -25.75
C HIS A 525 4.72 14.33 -25.34
N PRO A 526 4.06 15.45 -25.03
CA PRO A 526 4.84 16.68 -24.83
C PRO A 526 5.87 16.62 -23.68
N THR A 527 5.68 15.72 -22.72
CA THR A 527 6.62 15.61 -21.64
C THR A 527 7.66 14.51 -21.83
N ALA A 528 7.71 13.92 -23.03
CA ALA A 528 8.48 12.68 -23.22
C ALA A 528 9.98 12.83 -22.95
N GLN A 529 10.58 13.96 -23.36
CA GLN A 529 12.02 14.12 -23.21
C GLN A 529 12.33 14.29 -21.71
N HIS A 530 11.41 14.90 -20.97
CA HIS A 530 11.57 15.10 -19.51
C HIS A 530 11.47 13.74 -18.79
N GLU A 531 10.49 12.92 -19.18
CA GLU A 531 10.29 11.58 -18.64
C GLU A 531 11.48 10.72 -18.97
N LYS A 532 12.02 10.87 -20.18
CA LYS A 532 13.25 10.15 -20.53
C LYS A 532 14.39 10.49 -19.55
N MET A 533 14.54 11.77 -19.23
CA MET A 533 15.51 12.20 -18.25
C MET A 533 15.23 11.65 -16.81
N LEU A 534 13.98 11.71 -16.37
CA LEU A 534 13.59 11.13 -15.07
C LEU A 534 13.95 9.64 -15.04
N CYS A 535 13.57 8.93 -16.10
CA CYS A 535 13.92 7.53 -16.26
C CYS A 535 15.41 7.21 -16.26
N ASP A 536 16.19 7.85 -17.12
CA ASP A 536 17.66 7.65 -17.11
C ASP A 536 18.29 7.98 -15.75
N THR A 537 17.93 9.12 -15.17
CA THR A 537 18.49 9.53 -13.88
C THR A 537 18.18 8.48 -12.78
N TRP A 538 16.93 8.06 -12.70
CA TRP A 538 16.49 6.98 -11.78
C TRP A 538 17.29 5.68 -11.97
N CYS A 539 17.32 5.21 -13.21
CA CYS A 539 17.95 3.94 -13.58
C CYS A 539 19.45 3.90 -13.29
N ILE A 540 20.17 4.98 -13.57
CA ILE A 540 21.60 5.00 -13.31
C ILE A 540 21.87 4.67 -11.83
N GLU A 541 21.15 5.34 -10.93
CA GLU A 541 21.33 5.06 -9.51
C GLU A 541 20.71 3.76 -9.00
N ALA A 542 19.56 3.38 -9.54
CA ALA A 542 18.98 2.07 -9.23
C ALA A 542 19.88 0.89 -9.61
N ALA A 543 20.48 0.95 -10.80
CA ALA A 543 21.39 -0.09 -11.27
C ALA A 543 22.58 -0.22 -10.33
N ALA A 544 23.10 0.91 -9.89
CA ALA A 544 24.20 0.95 -8.97
C ALA A 544 23.85 0.35 -7.61
N ARG A 545 22.68 0.69 -7.07
CA ARG A 545 22.21 0.08 -5.82
C ARG A 545 22.10 -1.44 -5.96
N ILE A 546 21.57 -1.90 -7.09
CA ILE A 546 21.45 -3.34 -7.32
C ILE A 546 22.83 -4.02 -7.51
N ARG A 547 23.68 -3.47 -8.37
CA ARG A 547 25.08 -3.94 -8.48
C ARG A 547 25.76 -4.03 -7.12
N GLU A 548 25.77 -2.95 -6.36
CA GLU A 548 26.51 -2.95 -5.10
C GLU A 548 25.82 -3.84 -4.06
N GLY A 549 24.49 -3.82 -4.05
CA GLY A 549 23.72 -4.67 -3.15
C GLY A 549 23.92 -6.14 -3.39
N MET A 550 23.91 -6.54 -4.66
CA MET A 550 24.07 -7.96 -4.98
C MET A 550 25.50 -8.46 -4.68
N ALA A 551 26.47 -7.59 -4.91
CA ALA A 551 27.87 -7.87 -4.60
C ALA A 551 28.08 -8.10 -3.09
N ALA A 552 27.50 -7.23 -2.27
CA ALA A 552 27.50 -7.40 -0.82
C ALA A 552 26.97 -8.78 -0.42
N LEU A 553 25.94 -9.26 -1.12
CA LEU A 553 25.29 -10.51 -0.75
C LEU A 553 26.13 -11.71 -1.19
N GLN A 554 26.83 -11.57 -2.30
CA GLN A 554 27.43 -12.74 -2.90
C GLN A 554 28.94 -12.86 -2.64
N SER A 555 29.65 -11.76 -2.76
CA SER A 555 31.09 -11.84 -2.89
C SER A 555 31.84 -11.22 -1.71
N ASP A 556 31.11 -10.61 -0.78
CA ASP A 556 31.72 -9.74 0.22
C ASP A 556 31.97 -10.48 1.53
N PRO A 557 33.27 -10.64 1.88
CA PRO A 557 33.62 -11.51 3.01
C PRO A 557 33.24 -10.91 4.38
N TRP A 558 33.03 -9.59 4.41
CA TRP A 558 32.59 -8.88 5.62
C TRP A 558 31.08 -8.94 5.92
N GLN A 559 30.29 -9.30 4.91
CA GLN A 559 28.85 -9.30 5.05
C GLN A 559 28.44 -10.23 6.19
N GLN A 560 29.06 -11.40 6.25
CA GLN A 560 28.70 -12.32 7.33
C GLN A 560 29.14 -11.82 8.69
N GLU A 561 30.24 -11.09 8.75
CA GLU A 561 30.64 -10.46 10.03
C GLU A 561 29.61 -9.41 10.50
N LEU A 562 29.12 -8.59 9.58
CA LEU A 562 28.01 -7.66 9.89
C LEU A 562 26.81 -8.41 10.45
N TYR A 563 26.39 -9.50 9.80
CA TYR A 563 25.18 -10.17 10.23
C TYR A 563 25.32 -10.74 11.64
N ARG A 564 26.46 -11.40 11.90
CA ARG A 564 26.83 -11.90 13.23
C ARG A 564 26.81 -10.83 14.28
N ASN A 565 27.41 -9.67 13.94
CA ASN A 565 27.45 -8.56 14.88
C ASN A 565 26.07 -7.93 15.13
N PHE A 566 25.25 -7.80 14.09
CA PHE A 566 23.88 -7.30 14.34
C PHE A 566 23.18 -8.16 15.40
N LYS A 567 23.31 -9.48 15.27
CA LYS A 567 22.67 -10.40 16.24
C LYS A 567 23.31 -10.25 17.63
N SER A 568 24.64 -10.21 17.70
CA SER A 568 25.28 -10.15 19.02
C SER A 568 25.01 -8.81 19.70
N ILE A 569 25.05 -7.72 18.91
CA ILE A 569 24.78 -6.38 19.49
C ILE A 569 23.35 -6.30 20.05
N SER A 570 22.36 -6.74 19.25
CA SER A 570 20.97 -6.75 19.69
C SER A 570 20.74 -7.67 20.91
N LYS A 571 21.38 -8.84 20.90
CA LYS A 571 21.28 -9.76 22.07
C LYS A 571 21.77 -9.04 23.32
N ALA A 572 22.87 -8.30 23.18
CA ALA A 572 23.46 -7.55 24.30
C ALA A 572 22.53 -6.43 24.81
N LEU A 573 21.87 -5.72 23.90
CA LEU A 573 20.90 -4.68 24.27
C LEU A 573 19.74 -5.29 25.03
N VAL A 574 19.21 -6.40 24.51
CA VAL A 574 18.07 -7.06 25.15
C VAL A 574 18.40 -7.54 26.58
N GLU A 575 19.58 -8.15 26.75
CA GLU A 575 20.05 -8.54 28.09
C GLU A 575 20.04 -7.37 29.06
N ARG A 576 20.45 -6.20 28.57
CA ARG A 576 20.62 -5.02 29.41
C ARG A 576 19.32 -4.22 29.56
N GLY A 577 18.43 -4.33 28.57
CA GLY A 577 17.20 -3.54 28.56
C GLY A 577 17.41 -2.17 27.91
N GLY A 578 18.50 -2.02 27.18
CA GLY A 578 18.77 -0.76 26.52
C GLY A 578 20.23 -0.63 26.20
N VAL A 579 20.71 0.60 25.97
CA VAL A 579 22.10 0.84 25.70
C VAL A 579 23.01 0.21 26.78
N VAL A 580 24.03 -0.52 26.32
CA VAL A 580 24.91 -1.28 27.20
C VAL A 580 25.98 -0.37 27.79
N THR A 581 26.60 0.42 26.94
CA THR A 581 27.60 1.39 27.40
C THR A 581 26.98 2.49 28.30
N SER A 582 27.75 2.94 29.28
CA SER A 582 27.55 4.28 29.86
C SER A 582 27.96 5.41 28.89
N ASN A 583 27.89 6.65 29.33
CA ASN A 583 28.60 7.72 28.61
C ASN A 583 30.09 7.64 28.96
N PRO A 584 30.97 8.39 28.23
CA PRO A 584 32.40 8.23 28.51
C PRO A 584 32.82 8.48 29.96
N LEU A 585 32.04 9.22 30.73
CA LEU A 585 32.39 9.48 32.14
C LEU A 585 32.13 8.26 33.02
N GLY A 586 31.23 7.38 32.57
CA GLY A 586 30.99 6.12 33.28
C GLY A 586 29.95 6.21 34.38
N PHE A 587 29.24 7.33 34.45
CA PHE A 587 28.16 7.47 35.41
C PHE A 587 27.24 8.55 34.87
#